data_5OP6
#
_entry.id   5OP6
#
_cell.length_a   86.210
_cell.length_b   86.210
_cell.length_c   147.070
_cell.angle_alpha   90.00
_cell.angle_beta   90.00
_cell.angle_gamma   90.00
#
_symmetry.space_group_name_H-M   'P 41 21 2'
#
loop_
_entity.id
_entity.type
_entity.pdbx_description
1 polymer 'Hypoxia-inducible factor 1-alpha inhibitor'
2 non-polymer 'ZINC ION'
3 non-polymer 'SULFATE ION'
4 non-polymer '2-[[1,3-dicyclohexyl-4-oxidanyl-2,6-bis(oxidanylidene)pyrimidin-5-yl]carbonylamino]ethanoic acid'
5 non-polymer GLYCEROL
6 water water
#
_entity_poly.entity_id   1
_entity_poly.type   'polypeptide(L)'
_entity_poly.pdbx_seq_one_letter_code
;SHMAATAAEAVASGSGEPREEAGALGPAWDESQLRSYSFPTRPIPRLSQSDPRAEELIENEEPVVLTDTNLVYPALKWDL
EYLQENIGNGDFSVYSASTHKFLYYDEKKMANFQNFKPRSNREEMKFHEFVEKLQDIQQRGGEERLYLQQTLNDTVGRKI
VMDFLGFNWNWINKQQGKRGWGQLTSNLLLIGMEGNVTPAHYDEQQNFFAQIKGYKRCILFPPDQFECLYPYPVHHPCDR
QSQVDFDNPDYERFPNFQNVVGYETVVGPGDVLYIPMYWWHHIESLLNGGITITVNFWYKGAPTPKRIEYPLKAHQKVAI
MRNIEKMLGEALGNPQEVGPLLNTMIKGRYN
;
_entity_poly.pdbx_strand_id   A
#
# COMPACT_ATOMS: atom_id res chain seq x y z
N GLU A 17 -3.23 -18.79 10.52
CA GLU A 17 -4.05 -18.91 11.73
C GLU A 17 -5.30 -18.06 11.61
N PRO A 18 -6.30 -18.53 10.84
CA PRO A 18 -7.51 -17.72 10.63
C PRO A 18 -8.26 -17.48 11.94
N ARG A 19 -8.71 -16.24 12.14
CA ARG A 19 -9.39 -15.86 13.36
C ARG A 19 -10.85 -16.30 13.32
N GLU A 20 -11.39 -16.55 14.51
CA GLU A 20 -12.78 -16.99 14.67
C GLU A 20 -13.64 -15.77 15.00
N GLU A 21 -14.62 -15.49 14.13
CA GLU A 21 -15.50 -14.35 14.34
C GLU A 21 -16.43 -14.58 15.53
N ALA A 22 -16.74 -13.50 16.23
CA ALA A 22 -17.59 -13.59 17.41
C ALA A 22 -18.98 -14.11 17.04
N GLY A 23 -19.74 -14.48 18.07
CA GLY A 23 -21.04 -15.06 17.86
C GLY A 23 -21.02 -16.41 17.17
N ALA A 24 -19.87 -17.09 17.19
CA ALA A 24 -19.72 -18.40 16.56
C ALA A 24 -20.05 -18.34 15.06
N LEU A 25 -19.79 -17.18 14.44
CA LEU A 25 -20.10 -16.99 13.03
C LEU A 25 -19.22 -17.82 12.10
N GLY A 26 -18.28 -18.59 12.63
CA GLY A 26 -17.44 -19.43 11.82
C GLY A 26 -16.16 -18.72 11.41
N PRO A 27 -15.27 -19.44 10.72
CA PRO A 27 -14.02 -18.81 10.27
C PRO A 27 -14.29 -17.69 9.28
N ALA A 28 -13.68 -16.54 9.53
CA ALA A 28 -13.86 -15.40 8.61
C ALA A 28 -13.28 -15.70 7.25
N TRP A 29 -12.20 -16.48 7.18
CA TRP A 29 -11.56 -16.83 5.93
C TRP A 29 -10.70 -18.06 6.15
N ASP A 30 -10.34 -18.73 5.06
CA ASP A 30 -9.44 -19.87 5.10
C ASP A 30 -8.30 -19.64 4.11
N GLU A 31 -7.24 -20.44 4.27
CA GLU A 31 -6.02 -20.23 3.50
C GLU A 31 -6.22 -20.46 2.01
N SER A 32 -7.33 -21.08 1.58
CA SER A 32 -7.55 -21.28 0.15
C SER A 32 -7.77 -19.97 -0.58
N GLN A 33 -8.15 -18.91 0.13
CA GLN A 33 -8.34 -17.60 -0.48
C GLN A 33 -7.03 -16.83 -0.63
N LEU A 34 -5.93 -17.34 -0.07
CA LEU A 34 -4.63 -16.70 -0.18
C LEU A 34 -3.88 -17.25 -1.38
N ARG A 35 -3.20 -16.37 -2.10
CA ARG A 35 -2.33 -16.80 -3.17
C ARG A 35 -1.04 -17.40 -2.59
N SER A 36 -0.46 -18.33 -3.33
CA SER A 36 0.75 -19.01 -2.88
C SER A 36 1.97 -18.35 -3.52
N TYR A 37 3.05 -18.26 -2.74
CA TYR A 37 4.27 -17.62 -3.20
C TYR A 37 5.47 -18.43 -2.72
N SER A 38 6.65 -18.07 -3.23
CA SER A 38 7.85 -18.86 -3.02
C SER A 38 8.57 -18.54 -1.72
N PHE A 39 8.26 -17.43 -1.08
CA PHE A 39 9.04 -16.97 0.06
C PHE A 39 8.33 -17.27 1.37
N PRO A 40 9.07 -17.37 2.47
CA PRO A 40 8.44 -17.55 3.78
C PRO A 40 8.08 -16.21 4.43
N THR A 41 7.29 -16.29 5.49
CA THR A 41 6.87 -15.10 6.21
C THR A 41 6.67 -15.42 7.68
N ARG A 42 6.83 -14.40 8.52
CA ARG A 42 6.45 -14.46 9.92
C ARG A 42 5.25 -13.54 10.16
N PRO A 43 4.44 -13.81 11.18
CA PRO A 43 3.22 -13.01 11.35
C PRO A 43 3.50 -11.67 11.98
N ILE A 44 2.73 -10.67 11.54
CA ILE A 44 2.76 -9.34 12.17
C ILE A 44 1.96 -9.44 13.46
N PRO A 45 2.40 -8.81 14.56
CA PRO A 45 1.66 -8.96 15.82
C PRO A 45 0.33 -8.24 15.77
N ARG A 46 -0.71 -8.91 16.29
CA ARG A 46 -2.03 -8.32 16.47
C ARG A 46 -2.15 -7.94 17.95
N LEU A 47 -2.11 -6.64 18.23
CA LEU A 47 -2.07 -6.15 19.60
C LEU A 47 -3.18 -5.13 19.83
N SER A 48 -3.34 -4.76 21.09
CA SER A 48 -4.29 -3.74 21.49
C SER A 48 -3.62 -2.38 21.56
N GLN A 49 -4.38 -1.34 21.22
CA GLN A 49 -3.88 0.03 21.32
C GLN A 49 -3.31 0.31 22.70
N SER A 50 -3.86 -0.30 23.74
CA SER A 50 -3.38 -0.09 25.10
C SER A 50 -2.11 -0.88 25.42
N ASP A 51 -1.71 -1.81 24.55
CA ASP A 51 -0.55 -2.65 24.83
C ASP A 51 0.73 -1.87 24.56
N PRO A 52 1.60 -1.68 25.54
CA PRO A 52 2.85 -0.94 25.27
C PRO A 52 3.68 -1.56 24.16
N ARG A 53 3.62 -2.89 23.99
CA ARG A 53 4.36 -3.53 22.92
C ARG A 53 4.01 -2.93 21.57
N ALA A 54 2.73 -2.65 21.34
CA ALA A 54 2.33 -1.98 20.10
C ALA A 54 2.87 -0.57 20.05
N GLU A 55 3.04 0.06 21.20
CA GLU A 55 3.52 1.44 21.25
C GLU A 55 5.00 1.53 20.86
N GLU A 56 5.80 0.55 21.30
CA GLU A 56 7.20 0.53 20.93
C GLU A 56 7.41 0.07 19.49
N LEU A 57 6.54 -0.81 18.99
CA LEU A 57 6.63 -1.20 17.58
C LEU A 57 6.46 0.01 16.67
N ILE A 58 5.48 0.86 16.97
CA ILE A 58 5.29 2.08 16.19
C ILE A 58 6.48 3.02 16.39
N GLU A 59 6.98 3.11 17.63
CA GLU A 59 8.13 3.97 17.90
C GLU A 59 9.37 3.47 17.19
N ASN A 60 9.60 2.16 17.19
CA ASN A 60 10.72 1.56 16.48
C ASN A 60 10.45 1.37 15.00
N GLU A 61 9.37 1.96 14.48
CA GLU A 61 9.01 1.89 13.07
C GLU A 61 9.00 0.44 12.57
N GLU A 62 8.20 -0.37 13.25
CA GLU A 62 7.95 -1.75 12.85
C GLU A 62 6.45 -1.96 12.70
N PRO A 63 6.04 -2.83 11.79
CA PRO A 63 4.60 -3.02 11.55
C PRO A 63 3.90 -3.62 12.76
N VAL A 64 2.63 -3.26 12.91
CA VAL A 64 1.79 -3.81 13.96
C VAL A 64 0.34 -3.65 13.50
N VAL A 65 -0.49 -4.61 13.88
CA VAL A 65 -1.92 -4.55 13.63
C VAL A 65 -2.62 -4.21 14.94
N LEU A 66 -3.26 -3.05 15.00
CA LEU A 66 -4.05 -2.64 16.15
C LEU A 66 -5.49 -3.06 15.95
N THR A 67 -6.04 -3.78 16.93
CA THR A 67 -7.35 -4.40 16.78
C THR A 67 -8.48 -3.60 17.39
N ASP A 68 -8.20 -2.54 18.13
CA ASP A 68 -9.25 -1.86 18.90
C ASP A 68 -9.00 -0.35 18.96
N THR A 69 -8.68 0.26 17.82
CA THR A 69 -8.50 1.70 17.78
C THR A 69 -9.80 2.46 17.61
N ASN A 70 -10.84 1.83 17.06
CA ASN A 70 -12.07 2.52 16.71
C ASN A 70 -11.79 3.67 15.75
N LEU A 71 -10.70 3.57 14.99
CA LEU A 71 -10.25 4.69 14.16
C LEU A 71 -11.30 5.07 13.13
N VAL A 72 -11.83 4.09 12.41
CA VAL A 72 -12.85 4.35 11.39
C VAL A 72 -14.13 3.64 11.80
N TYR A 73 -14.42 3.62 13.09
CA TYR A 73 -15.59 2.93 13.61
C TYR A 73 -16.88 3.30 12.89
N PRO A 74 -17.20 4.58 12.63
CA PRO A 74 -18.43 4.89 11.91
C PRO A 74 -18.44 4.38 10.48
N ALA A 75 -17.27 4.14 9.88
CA ALA A 75 -17.20 3.67 8.50
C ALA A 75 -17.43 2.18 8.36
N LEU A 76 -17.50 1.45 9.47
CA LEU A 76 -17.66 -0.01 9.38
C LEU A 76 -19.01 -0.42 8.85
N LYS A 77 -19.97 0.50 8.76
CA LYS A 77 -21.26 0.21 8.15
C LYS A 77 -21.28 0.51 6.65
N TRP A 78 -20.15 0.96 6.09
CA TRP A 78 -20.12 1.32 4.68
C TRP A 78 -20.27 0.10 3.78
N ASP A 79 -20.93 0.31 2.65
CA ASP A 79 -20.98 -0.65 1.56
C ASP A 79 -21.26 0.12 0.28
N LEU A 80 -21.35 -0.60 -0.83
CA LEU A 80 -21.58 0.06 -2.12
C LEU A 80 -22.89 0.85 -2.10
N GLU A 81 -23.92 0.30 -1.46
CA GLU A 81 -25.22 0.99 -1.42
C GLU A 81 -25.13 2.27 -0.58
N TYR A 82 -24.70 2.14 0.67
CA TYR A 82 -24.62 3.29 1.55
C TYR A 82 -23.75 4.39 0.95
N LEU A 83 -22.60 4.02 0.38
CA LEU A 83 -21.69 5.02 -0.19
C LEU A 83 -22.32 5.70 -1.39
N GLN A 84 -22.85 4.92 -2.34
CA GLN A 84 -23.51 5.51 -3.50
C GLN A 84 -24.58 6.50 -3.09
N GLU A 85 -25.32 6.19 -2.02
CA GLU A 85 -26.41 7.05 -1.59
C GLU A 85 -25.89 8.36 -1.00
N ASN A 86 -24.79 8.29 -0.24
CA ASN A 86 -24.33 9.43 0.55
C ASN A 86 -22.96 9.96 0.15
N ILE A 87 -22.28 9.35 -0.81
CA ILE A 87 -20.95 9.85 -1.18
C ILE A 87 -21.04 11.10 -2.04
N GLY A 88 -22.15 11.31 -2.73
CA GLY A 88 -22.34 12.52 -3.51
C GLY A 88 -21.89 12.38 -4.95
N ASN A 89 -22.08 13.47 -5.70
CA ASN A 89 -21.70 13.51 -7.11
C ASN A 89 -20.31 14.10 -7.23
N GLY A 90 -19.34 13.26 -7.58
CA GLY A 90 -17.97 13.71 -7.73
C GLY A 90 -17.19 12.71 -8.55
N ASP A 91 -16.01 13.13 -8.99
CA ASP A 91 -15.15 12.30 -9.81
C ASP A 91 -14.28 11.40 -8.93
N PHE A 92 -14.32 10.10 -9.21
CA PHE A 92 -13.52 9.11 -8.52
C PHE A 92 -12.56 8.45 -9.50
N SER A 93 -11.29 8.39 -9.15
CA SER A 93 -10.28 7.75 -10.00
C SER A 93 -10.43 6.24 -9.90
N VAL A 94 -10.65 5.59 -11.05
CA VAL A 94 -10.86 4.15 -11.13
C VAL A 94 -9.80 3.57 -12.04
N TYR A 95 -9.11 2.52 -11.58
CA TYR A 95 -8.05 1.88 -12.33
C TYR A 95 -8.50 0.51 -12.80
N SER A 96 -8.28 0.23 -14.09
CA SER A 96 -8.67 -1.05 -14.68
C SER A 96 -7.45 -1.93 -14.86
N ALA A 97 -7.71 -3.24 -14.90
CA ALA A 97 -6.65 -4.22 -15.09
C ALA A 97 -7.26 -5.48 -15.70
N SER A 98 -6.58 -6.03 -16.71
CA SER A 98 -7.05 -7.25 -17.35
C SER A 98 -6.86 -8.49 -16.49
N THR A 99 -6.07 -8.42 -15.41
CA THR A 99 -5.84 -9.56 -14.54
C THR A 99 -5.86 -9.07 -13.10
N HIS A 100 -5.53 -9.98 -12.17
CA HIS A 100 -5.45 -9.60 -10.76
C HIS A 100 -4.25 -8.69 -10.50
N LYS A 101 -3.16 -8.89 -11.23
CA LYS A 101 -1.95 -8.11 -11.02
C LYS A 101 -2.16 -6.70 -11.55
N PHE A 102 -2.42 -5.76 -10.64
CA PHE A 102 -2.47 -4.35 -10.99
C PHE A 102 -1.06 -3.79 -11.10
N LEU A 103 -0.96 -2.59 -11.66
CA LEU A 103 0.32 -1.90 -11.72
C LEU A 103 0.08 -0.43 -12.01
N TYR A 104 0.92 0.42 -11.42
CA TYR A 104 0.77 1.87 -11.50
C TYR A 104 1.84 2.47 -12.40
N TYR A 105 1.46 3.52 -13.12
CA TYR A 105 2.35 4.22 -14.04
C TYR A 105 2.29 5.70 -13.73
N ASP A 106 3.35 6.22 -13.12
CA ASP A 106 3.45 7.67 -12.90
C ASP A 106 3.33 8.39 -14.23
N GLU A 107 2.19 9.08 -14.44
CA GLU A 107 1.95 9.75 -15.72
C GLU A 107 3.07 10.72 -16.05
N LYS A 108 3.60 11.44 -15.04
CA LYS A 108 4.63 12.42 -15.29
C LYS A 108 5.91 11.77 -15.84
N LYS A 109 6.24 10.58 -15.37
CA LYS A 109 7.47 9.90 -15.79
C LYS A 109 7.30 9.09 -17.07
N MET A 110 6.10 9.05 -17.64
CA MET A 110 5.90 8.36 -18.92
C MET A 110 6.82 8.91 -20.00
N ALA A 111 7.18 10.19 -19.92
CA ALA A 111 8.03 10.80 -20.94
C ALA A 111 9.43 10.20 -20.92
N ASN A 112 10.00 10.03 -19.73
CA ASN A 112 11.36 9.51 -19.62
C ASN A 112 11.52 8.21 -20.39
N PHE A 113 10.59 7.27 -20.20
CA PHE A 113 10.61 5.98 -20.87
C PHE A 113 9.51 5.97 -21.92
N GLN A 114 9.91 6.18 -23.18
CA GLN A 114 8.93 6.22 -24.27
C GLN A 114 8.46 4.81 -24.64
N ASN A 115 9.36 3.83 -24.57
CA ASN A 115 9.03 2.49 -25.06
C ASN A 115 7.88 1.87 -24.27
N PHE A 116 7.81 2.15 -22.97
CA PHE A 116 6.79 1.52 -22.14
C PHE A 116 5.40 1.92 -22.60
N LYS A 117 4.44 1.02 -22.38
CA LYS A 117 3.04 1.26 -22.69
C LYS A 117 2.19 0.66 -21.58
N PRO A 118 1.17 1.38 -21.08
CA PRO A 118 0.35 0.82 -20.00
C PRO A 118 -0.82 -0.01 -20.51
N ASN A 121 -5.69 2.69 -18.66
CA ASN A 121 -5.35 2.20 -17.33
C ASN A 121 -6.28 2.81 -16.29
N ARG A 122 -6.32 4.13 -16.23
CA ARG A 122 -7.14 4.87 -15.29
C ARG A 122 -8.35 5.48 -16.02
N GLU A 123 -9.41 5.71 -15.26
CA GLU A 123 -10.64 6.29 -15.80
C GLU A 123 -11.39 7.01 -14.70
N GLU A 124 -11.82 8.23 -14.99
CA GLU A 124 -12.61 9.02 -14.05
C GLU A 124 -14.08 8.78 -14.29
N MET A 125 -14.86 8.85 -13.20
CA MET A 125 -16.29 8.58 -13.29
C MET A 125 -16.93 8.90 -11.95
N LYS A 126 -18.25 9.06 -11.97
CA LYS A 126 -19.03 9.21 -10.76
C LYS A 126 -19.15 7.86 -10.05
N PHE A 127 -19.51 7.92 -8.76
CA PHE A 127 -19.52 6.70 -7.96
C PHE A 127 -20.50 5.67 -8.51
N HIS A 128 -21.70 6.10 -8.89
CA HIS A 128 -22.69 5.15 -9.39
C HIS A 128 -22.20 4.44 -10.65
N GLU A 129 -21.39 5.13 -11.46
CA GLU A 129 -20.82 4.48 -12.64
C GLU A 129 -19.87 3.35 -12.24
N PHE A 130 -19.08 3.57 -11.20
CA PHE A 130 -18.19 2.52 -10.71
C PHE A 130 -18.99 1.32 -10.20
N VAL A 131 -20.08 1.58 -9.47
CA VAL A 131 -20.92 0.49 -8.98
C VAL A 131 -21.58 -0.24 -10.15
N GLU A 132 -21.91 0.48 -11.22
CA GLU A 132 -22.48 -0.16 -12.40
C GLU A 132 -21.45 -1.06 -13.09
N LYS A 133 -20.22 -0.58 -13.25
CA LYS A 133 -19.18 -1.40 -13.85
C LYS A 133 -18.86 -2.61 -12.98
N LEU A 134 -18.72 -2.39 -11.67
CA LEU A 134 -18.46 -3.51 -10.76
C LEU A 134 -19.62 -4.50 -10.78
N GLN A 135 -20.84 -4.00 -10.92
CA GLN A 135 -22.00 -4.89 -11.05
C GLN A 135 -22.07 -5.50 -12.45
N ASP A 136 -21.69 -4.72 -13.48
CA ASP A 136 -21.66 -5.25 -14.84
C ASP A 136 -20.68 -6.41 -14.95
N ILE A 137 -19.47 -6.22 -14.42
CA ILE A 137 -18.46 -7.28 -14.45
C ILE A 137 -18.87 -8.43 -13.53
N GLN A 138 -19.63 -8.13 -12.47
CA GLN A 138 -20.16 -9.20 -11.63
C GLN A 138 -20.90 -10.23 -12.47
N GLN A 139 -21.86 -9.78 -13.27
CA GLN A 139 -22.43 -10.62 -14.30
C GLN A 139 -21.40 -10.83 -15.42
N ARG A 140 -21.54 -11.95 -16.13
CA ARG A 140 -20.66 -12.37 -17.21
C ARG A 140 -19.40 -13.05 -16.70
N GLY A 141 -19.13 -13.02 -15.40
CA GLY A 141 -17.87 -13.57 -14.91
C GLY A 141 -16.66 -12.98 -15.60
N GLY A 142 -16.73 -11.70 -15.94
CA GLY A 142 -15.65 -11.09 -16.70
C GLY A 142 -14.34 -11.16 -15.94
N GLU A 143 -13.25 -11.45 -16.67
CA GLU A 143 -11.93 -11.52 -16.07
C GLU A 143 -11.40 -10.15 -15.67
N GLU A 144 -12.04 -9.07 -16.12
CA GLU A 144 -11.57 -7.73 -15.79
C GLU A 144 -11.76 -7.44 -14.30
N ARG A 145 -10.89 -6.59 -13.76
CA ARG A 145 -10.97 -6.16 -12.38
C ARG A 145 -10.74 -4.66 -12.30
N LEU A 146 -11.36 -4.04 -11.31
CA LEU A 146 -11.27 -2.59 -11.12
C LEU A 146 -10.82 -2.30 -9.70
N TYR A 147 -10.44 -1.04 -9.46
CA TYR A 147 -9.92 -0.64 -8.15
C TYR A 147 -10.11 0.86 -8.00
N LEU A 148 -11.09 1.25 -7.20
CA LEU A 148 -11.34 2.67 -6.93
C LEU A 148 -10.35 3.18 -5.89
N GLN A 149 -9.71 4.30 -6.20
CA GLN A 149 -8.78 4.95 -5.28
C GLN A 149 -8.93 6.45 -5.43
N GLN A 150 -9.50 7.10 -4.43
CA GLN A 150 -9.75 8.53 -4.49
C GLN A 150 -9.51 9.15 -3.12
N THR A 151 -8.82 10.29 -3.10
CA THR A 151 -8.63 11.02 -1.86
C THR A 151 -9.92 11.71 -1.45
N LEU A 152 -10.23 11.66 -0.15
CA LEU A 152 -11.43 12.31 0.36
C LEU A 152 -11.30 13.82 0.25
N ASN A 153 -12.38 14.46 -0.20
CA ASN A 153 -12.39 15.90 -0.43
C ASN A 153 -13.72 16.46 0.06
N ASP A 154 -14.00 17.71 -0.31
CA ASP A 154 -15.18 18.41 0.20
C ASP A 154 -16.46 18.01 -0.51
N THR A 155 -16.37 17.36 -1.68
CA THR A 155 -17.56 17.04 -2.46
C THR A 155 -18.33 15.85 -1.90
N VAL A 156 -17.97 15.36 -0.71
CA VAL A 156 -18.64 14.20 -0.13
C VAL A 156 -19.93 14.64 0.55
N GLY A 157 -20.91 13.75 0.56
CA GLY A 157 -22.23 14.06 1.09
C GLY A 157 -22.21 14.28 2.60
N ARG A 158 -23.39 14.67 3.11
CA ARG A 158 -23.51 15.02 4.52
C ARG A 158 -23.19 13.85 5.42
N LYS A 159 -23.82 12.69 5.18
CA LYS A 159 -23.63 11.56 6.06
C LYS A 159 -22.17 11.08 6.09
N ILE A 160 -21.46 11.23 4.97
CA ILE A 160 -20.08 10.77 4.91
C ILE A 160 -19.18 11.69 5.72
N VAL A 161 -19.48 13.00 5.73
CA VAL A 161 -18.73 13.92 6.57
C VAL A 161 -18.95 13.61 8.04
N MET A 162 -20.19 13.27 8.41
CA MET A 162 -20.48 12.88 9.79
C MET A 162 -19.68 11.64 10.18
N ASP A 163 -19.64 10.63 9.31
CA ASP A 163 -18.81 9.46 9.58
C ASP A 163 -17.35 9.87 9.69
N PHE A 164 -16.88 10.68 8.75
CA PHE A 164 -15.49 11.14 8.77
C PHE A 164 -15.17 11.81 10.09
N LEU A 165 -16.04 12.70 10.55
CA LEU A 165 -15.82 13.35 11.84
C LEU A 165 -15.88 12.36 12.99
N GLY A 166 -16.61 11.25 12.83
CA GLY A 166 -16.69 10.24 13.84
C GLY A 166 -15.48 9.35 13.98
N PHE A 167 -14.44 9.56 13.17
CA PHE A 167 -13.21 8.80 13.32
C PHE A 167 -12.54 9.15 14.64
N ASN A 168 -11.66 8.26 15.10
CA ASN A 168 -10.97 8.46 16.37
C ASN A 168 -9.76 9.36 16.15
N TRP A 169 -10.05 10.64 15.93
CA TRP A 169 -8.99 11.62 15.73
C TRP A 169 -8.18 11.83 17.00
N ASN A 170 -8.79 11.62 18.16
CA ASN A 170 -8.05 11.75 19.42
C ASN A 170 -6.84 10.83 19.43
N TRP A 171 -7.04 9.56 19.04
CA TRP A 171 -5.96 8.58 19.13
C TRP A 171 -4.90 8.84 18.08
N ILE A 172 -5.30 9.00 16.82
CA ILE A 172 -4.32 9.11 15.75
C ILE A 172 -3.55 10.42 15.86
N ASN A 173 -4.22 11.50 16.26
CA ASN A 173 -3.53 12.77 16.46
C ASN A 173 -2.50 12.65 17.58
N LYS A 174 -2.84 11.91 18.64
CA LYS A 174 -1.87 11.65 19.69
C LYS A 174 -0.69 10.84 19.17
N GLN A 175 -0.95 9.92 18.25
CA GLN A 175 0.14 9.18 17.61
C GLN A 175 1.00 10.10 16.76
N GLN A 176 0.38 11.04 16.05
CA GLN A 176 1.13 11.98 15.23
C GLN A 176 2.14 12.76 16.08
N GLY A 177 1.68 13.29 17.21
CA GLY A 177 2.59 14.04 18.07
C GLY A 177 3.61 13.15 18.76
N LYS A 178 3.19 11.97 19.23
CA LYS A 178 4.11 11.08 19.92
C LYS A 178 5.30 10.71 19.04
N ARG A 179 5.10 10.61 17.74
CA ARG A 179 6.18 10.25 16.81
C ARG A 179 6.77 11.45 16.09
N GLY A 180 6.29 12.66 16.37
CA GLY A 180 6.79 13.84 15.68
C GLY A 180 6.59 13.83 14.19
N TRP A 181 5.62 13.05 13.70
CA TRP A 181 5.36 13.00 12.27
C TRP A 181 4.93 14.36 11.75
N GLY A 182 4.94 14.49 10.43
CA GLY A 182 4.48 15.69 9.77
C GLY A 182 2.97 15.74 9.71
N GLN A 183 2.47 16.52 8.76
CA GLN A 183 1.03 16.73 8.62
C GLN A 183 0.38 15.55 7.92
N LEU A 184 -0.86 15.26 8.29
CA LEU A 184 -1.67 14.30 7.56
C LEU A 184 -1.78 14.74 6.11
N THR A 185 -1.08 14.06 5.21
CA THR A 185 -1.04 14.53 3.82
C THR A 185 -2.36 14.27 3.11
N SER A 186 -2.99 13.11 3.35
CA SER A 186 -4.21 12.79 2.64
C SER A 186 -4.86 11.56 3.26
N ASN A 187 -6.18 11.47 3.10
CA ASN A 187 -6.94 10.27 3.37
C ASN A 187 -7.34 9.66 2.04
N LEU A 188 -7.02 8.38 1.85
CA LEU A 188 -7.27 7.70 0.59
C LEU A 188 -8.31 6.61 0.81
N LEU A 189 -9.39 6.66 0.04
CA LEU A 189 -10.41 5.62 0.04
C LEU A 189 -10.08 4.59 -1.04
N LEU A 190 -9.92 3.33 -0.64
CA LEU A 190 -9.65 2.24 -1.56
C LEU A 190 -10.80 1.25 -1.53
N ILE A 191 -11.39 0.99 -2.69
CA ILE A 191 -12.43 -0.01 -2.84
C ILE A 191 -11.99 -0.93 -3.97
N GLY A 192 -11.83 -2.23 -3.68
CA GLY A 192 -11.31 -3.17 -4.64
C GLY A 192 -12.19 -4.40 -4.74
N MET A 193 -11.96 -5.14 -5.83
CA MET A 193 -12.68 -6.39 -6.08
C MET A 193 -11.88 -7.57 -5.52
N GLU A 194 -12.59 -8.67 -5.29
CA GLU A 194 -11.96 -9.87 -4.79
C GLU A 194 -10.89 -10.34 -5.76
N GLY A 195 -9.72 -10.70 -5.23
CA GLY A 195 -8.61 -11.11 -6.05
C GLY A 195 -7.66 -10.01 -6.45
N ASN A 196 -8.06 -8.75 -6.31
CA ASN A 196 -7.17 -7.64 -6.67
C ASN A 196 -5.85 -7.77 -5.92
N VAL A 197 -4.75 -7.50 -6.64
CA VAL A 197 -3.41 -7.58 -6.09
C VAL A 197 -2.72 -6.24 -6.30
N THR A 198 -2.24 -5.64 -5.22
CA THR A 198 -1.39 -4.46 -5.30
C THR A 198 0.05 -4.94 -5.20
N PRO A 199 0.86 -4.87 -6.25
CA PRO A 199 2.20 -5.48 -6.20
C PRO A 199 3.09 -4.86 -5.14
N ALA A 200 4.15 -5.58 -4.83
CA ALA A 200 5.09 -5.13 -3.79
C ALA A 200 5.69 -3.78 -4.18
N HIS A 201 5.59 -2.83 -3.25
CA HIS A 201 6.09 -1.48 -3.45
C HIS A 201 6.32 -0.86 -2.08
N TYR A 202 7.08 0.22 -2.03
CA TYR A 202 7.25 0.97 -0.80
C TYR A 202 6.83 2.42 -1.00
N ASP A 203 6.29 3.02 0.06
CA ASP A 203 5.89 4.41 0.09
C ASP A 203 6.83 5.17 1.01
N GLU A 204 6.87 6.49 0.81
CA GLU A 204 7.82 7.35 1.52
C GLU A 204 7.18 8.06 2.71
N GLN A 205 5.95 7.71 3.06
CA GLN A 205 5.25 8.35 4.17
C GLN A 205 4.77 7.29 5.15
N GLN A 206 4.54 7.72 6.39
CA GLN A 206 3.95 6.84 7.40
C GLN A 206 2.48 6.61 7.08
N ASN A 207 2.01 5.39 7.29
CA ASN A 207 0.65 5.01 6.88
C ASN A 207 -0.02 4.19 7.96
N PHE A 208 -1.23 4.62 8.34
CA PHE A 208 -2.12 3.81 9.14
C PHE A 208 -3.19 3.24 8.21
N PHE A 209 -3.21 1.92 8.08
CA PHE A 209 -3.98 1.20 7.09
C PHE A 209 -5.25 0.70 7.79
N ALA A 210 -6.36 1.43 7.62
CA ALA A 210 -7.59 1.17 8.35
C ALA A 210 -8.55 0.35 7.49
N GLN A 211 -8.70 -0.93 7.82
CA GLN A 211 -9.59 -1.81 7.08
C GLN A 211 -11.03 -1.63 7.54
N ILE A 212 -11.96 -1.66 6.59
CA ILE A 212 -13.36 -1.36 6.85
C ILE A 212 -14.25 -2.53 6.44
N LYS A 213 -14.21 -2.89 5.15
CA LYS A 213 -15.03 -3.97 4.62
C LYS A 213 -14.14 -4.99 3.94
N GLY A 214 -14.49 -6.26 4.08
CA GLY A 214 -13.71 -7.33 3.48
C GLY A 214 -12.40 -7.58 4.21
N TYR A 215 -11.59 -8.45 3.62
CA TYR A 215 -10.32 -8.86 4.19
C TYR A 215 -9.20 -8.69 3.17
N LYS A 216 -8.06 -8.21 3.64
CA LYS A 216 -6.89 -8.00 2.80
C LYS A 216 -5.68 -8.67 3.43
N ARG A 217 -4.97 -9.45 2.63
CA ARG A 217 -3.71 -10.06 3.06
C ARG A 217 -2.58 -9.09 2.75
N CYS A 218 -1.83 -8.70 3.77
CA CYS A 218 -0.75 -7.73 3.65
C CYS A 218 0.58 -8.42 3.95
N ILE A 219 1.47 -8.42 2.96
CA ILE A 219 2.82 -8.97 3.11
C ILE A 219 3.79 -7.80 3.06
N LEU A 220 4.50 -7.58 4.16
CA LEU A 220 5.46 -6.49 4.28
C LEU A 220 6.88 -7.03 4.25
N PHE A 221 7.80 -6.21 3.75
CA PHE A 221 9.21 -6.52 3.79
C PHE A 221 9.97 -5.31 4.33
N PRO A 222 10.95 -5.50 5.22
CA PRO A 222 11.66 -4.35 5.78
C PRO A 222 12.46 -3.61 4.73
N PRO A 223 12.88 -2.38 5.02
CA PRO A 223 13.72 -1.65 4.06
C PRO A 223 15.04 -2.32 3.75
N ASP A 224 15.59 -3.08 4.71
CA ASP A 224 16.90 -3.69 4.49
C ASP A 224 16.87 -4.80 3.44
N GLN A 225 15.69 -5.21 2.98
CA GLN A 225 15.57 -6.18 1.90
C GLN A 225 15.45 -5.50 0.54
N PHE A 226 15.94 -4.27 0.41
CA PHE A 226 16.02 -3.61 -0.90
C PHE A 226 16.70 -4.50 -1.93
N GLU A 227 17.79 -5.16 -1.55
CA GLU A 227 18.57 -5.94 -2.49
C GLU A 227 17.80 -7.13 -3.05
N CYS A 228 16.72 -7.53 -2.40
CA CYS A 228 15.96 -8.72 -2.79
C CYS A 228 14.74 -8.42 -3.65
N LEU A 229 14.31 -7.16 -3.72
CA LEU A 229 13.04 -6.82 -4.37
C LEU A 229 13.20 -5.98 -5.62
N TYR A 230 14.39 -5.46 -5.90
CA TYR A 230 14.73 -4.89 -7.21
C TYR A 230 13.69 -3.88 -7.70
N PRO A 231 13.57 -2.72 -7.06
CA PRO A 231 12.65 -1.69 -7.58
C PRO A 231 13.10 -1.19 -8.94
N TYR A 232 12.13 -0.70 -9.71
CA TYR A 232 12.42 -0.07 -10.97
C TYR A 232 13.33 1.14 -10.75
N PRO A 233 13.98 1.64 -11.82
CA PRO A 233 14.70 2.91 -11.71
C PRO A 233 13.78 4.02 -11.21
N VAL A 234 14.36 4.97 -10.52
CA VAL A 234 13.57 6.07 -10.06
C VAL A 234 12.87 6.83 -11.18
N HIS A 235 13.49 7.01 -12.33
CA HIS A 235 12.82 7.71 -13.39
C HIS A 235 11.84 6.85 -14.14
N HIS A 236 11.78 5.57 -13.84
CA HIS A 236 10.84 4.71 -14.53
C HIS A 236 9.43 4.95 -14.01
N PRO A 237 8.40 4.91 -14.87
CA PRO A 237 7.03 5.15 -14.39
C PRO A 237 6.63 4.29 -13.20
N CYS A 238 7.16 3.08 -13.09
CA CYS A 238 6.86 2.19 -11.98
C CYS A 238 7.80 2.38 -10.79
N ASP A 239 8.34 3.59 -10.64
CA ASP A 239 9.20 3.91 -9.50
C ASP A 239 8.57 3.43 -8.20
N ARG A 240 9.40 2.80 -7.36
CA ARG A 240 9.07 2.34 -6.02
C ARG A 240 8.39 0.96 -6.05
N GLN A 241 8.06 0.42 -7.21
CA GLN A 241 7.47 -0.90 -7.32
C GLN A 241 8.54 -1.94 -7.64
N SER A 242 8.31 -3.16 -7.18
CA SER A 242 9.25 -4.25 -7.42
C SER A 242 9.15 -4.74 -8.86
N GLN A 243 10.29 -5.08 -9.44
CA GLN A 243 10.33 -5.67 -10.76
C GLN A 243 10.00 -7.16 -10.75
N VAL A 244 10.04 -7.79 -9.58
CA VAL A 244 9.88 -9.24 -9.49
C VAL A 244 8.40 -9.58 -9.65
N ASP A 245 8.11 -10.54 -10.52
CA ASP A 245 6.77 -11.09 -10.64
C ASP A 245 6.61 -12.16 -9.57
N PHE A 246 5.93 -11.82 -8.47
CA PHE A 246 5.77 -12.78 -7.38
C PHE A 246 5.15 -14.08 -7.86
N ASP A 247 4.31 -14.02 -8.90
CA ASP A 247 3.67 -15.22 -9.41
C ASP A 247 4.64 -16.10 -10.19
N ASN A 248 5.70 -15.52 -10.74
CA ASN A 248 6.68 -16.26 -11.54
C ASN A 248 8.01 -15.53 -11.47
N PRO A 249 8.73 -15.64 -10.35
CA PRO A 249 9.97 -14.86 -10.18
C PRO A 249 11.04 -15.31 -11.17
N ASP A 250 11.70 -14.33 -11.79
CA ASP A 250 12.83 -14.60 -12.68
C ASP A 250 14.09 -14.60 -11.83
N TYR A 251 14.44 -15.77 -11.30
CA TYR A 251 15.57 -15.86 -10.38
C TYR A 251 16.89 -15.60 -11.09
N GLU A 252 16.92 -15.63 -12.42
CA GLU A 252 18.14 -15.30 -13.14
C GLU A 252 18.44 -13.81 -13.06
N ARG A 253 17.43 -12.98 -13.29
CA ARG A 253 17.61 -11.53 -13.18
C ARG A 253 17.58 -11.05 -11.73
N PHE A 254 16.81 -11.73 -10.88
CA PHE A 254 16.55 -11.28 -9.51
C PHE A 254 16.95 -12.36 -8.52
N PRO A 255 18.24 -12.73 -8.48
CA PRO A 255 18.65 -13.87 -7.65
C PRO A 255 18.36 -13.70 -6.17
N ASN A 256 18.57 -12.50 -5.61
CA ASN A 256 18.37 -12.31 -4.18
C ASN A 256 16.91 -12.37 -3.76
N PHE A 257 15.97 -12.48 -4.68
CA PHE A 257 14.58 -12.71 -4.29
C PHE A 257 14.39 -14.05 -3.61
N GLN A 258 15.34 -14.97 -3.79
CA GLN A 258 15.30 -16.26 -3.09
C GLN A 258 15.68 -16.12 -1.62
N ASN A 259 16.09 -14.93 -1.18
CA ASN A 259 16.41 -14.68 0.22
C ASN A 259 15.37 -13.80 0.90
N VAL A 260 14.28 -13.49 0.22
CA VAL A 260 13.30 -12.54 0.74
C VAL A 260 12.47 -13.22 1.83
N VAL A 261 12.19 -12.48 2.90
CA VAL A 261 11.37 -12.96 4.00
C VAL A 261 10.43 -11.81 4.40
N GLY A 262 9.13 -12.07 4.35
CA GLY A 262 8.14 -11.05 4.60
C GLY A 262 7.46 -11.17 5.95
N TYR A 263 6.81 -10.09 6.34
CA TYR A 263 5.92 -10.07 7.50
C TYR A 263 4.48 -10.08 6.99
N GLU A 264 3.68 -11.02 7.50
CA GLU A 264 2.38 -11.29 6.91
C GLU A 264 1.27 -11.12 7.94
N THR A 265 0.09 -10.74 7.45
CA THR A 265 -1.11 -10.67 8.26
C THR A 265 -2.31 -10.48 7.34
N VAL A 266 -3.48 -10.83 7.87
CA VAL A 266 -4.76 -10.56 7.20
C VAL A 266 -5.55 -9.62 8.08
N VAL A 267 -5.86 -8.44 7.56
CA VAL A 267 -6.63 -7.43 8.30
C VAL A 267 -8.09 -7.55 7.89
N GLY A 268 -8.98 -7.34 8.85
CA GLY A 268 -10.39 -7.34 8.60
C GLY A 268 -11.03 -6.10 9.17
N PRO A 269 -12.36 -6.02 9.09
CA PRO A 269 -13.06 -4.83 9.60
C PRO A 269 -12.68 -4.51 11.04
N GLY A 270 -12.27 -3.26 11.26
CA GLY A 270 -11.88 -2.79 12.57
C GLY A 270 -10.39 -2.81 12.83
N ASP A 271 -9.63 -3.56 12.04
CA ASP A 271 -8.19 -3.64 12.23
C ASP A 271 -7.49 -2.45 11.56
N VAL A 272 -6.40 -2.01 12.19
CA VAL A 272 -5.56 -0.94 11.66
C VAL A 272 -4.13 -1.46 11.61
N LEU A 273 -3.56 -1.53 10.40
CA LEU A 273 -2.19 -1.96 10.19
C LEU A 273 -1.31 -0.72 10.04
N TYR A 274 -0.26 -0.66 10.84
CA TYR A 274 0.74 0.40 10.71
C TYR A 274 1.78 -0.07 9.70
N ILE A 275 1.85 0.61 8.55
CA ILE A 275 2.89 0.36 7.56
C ILE A 275 3.92 1.46 7.69
N PRO A 276 5.08 1.22 8.30
CA PRO A 276 6.06 2.31 8.43
C PRO A 276 6.60 2.72 7.08
N MET A 277 7.04 3.98 7.00
CA MET A 277 7.55 4.50 5.74
C MET A 277 8.71 3.66 5.24
N TYR A 278 8.78 3.50 3.92
CA TYR A 278 9.82 2.75 3.21
C TYR A 278 9.74 1.24 3.42
N TRP A 279 8.73 0.74 4.14
CA TRP A 279 8.49 -0.70 4.20
C TRP A 279 7.72 -1.13 2.96
N TRP A 280 8.22 -2.17 2.29
CA TRP A 280 7.48 -2.75 1.19
C TRP A 280 6.17 -3.33 1.68
N HIS A 281 5.14 -3.28 0.84
CA HIS A 281 3.89 -3.97 1.14
C HIS A 281 3.29 -4.53 -0.13
N HIS A 282 2.84 -5.79 -0.04
CA HIS A 282 2.10 -6.47 -1.09
C HIS A 282 0.71 -6.73 -0.54
N ILE A 283 -0.30 -6.07 -1.12
CA ILE A 283 -1.68 -6.13 -0.63
C ILE A 283 -2.52 -6.88 -1.65
N GLU A 284 -3.34 -7.81 -1.16
CA GLU A 284 -4.25 -8.54 -2.03
C GLU A 284 -5.57 -8.74 -1.31
N SER A 285 -6.67 -8.49 -2.02
CA SER A 285 -7.99 -8.77 -1.50
C SER A 285 -8.30 -10.25 -1.67
N LEU A 286 -8.74 -10.90 -0.60
CA LEU A 286 -8.88 -12.35 -0.62
C LEU A 286 -9.80 -12.79 -1.76
N LEU A 287 -9.45 -13.92 -2.36
CA LEU A 287 -10.25 -14.49 -3.43
C LEU A 287 -11.61 -14.93 -2.89
N ASN A 288 -12.65 -14.69 -3.68
CA ASN A 288 -14.02 -15.05 -3.31
C ASN A 288 -14.46 -14.41 -2.00
N GLY A 289 -13.82 -13.31 -1.61
CA GLY A 289 -14.12 -12.62 -0.38
C GLY A 289 -14.97 -11.38 -0.54
N GLY A 290 -15.52 -11.14 -1.73
CA GLY A 290 -16.31 -9.94 -1.96
C GLY A 290 -15.42 -8.71 -2.09
N ILE A 291 -16.08 -7.56 -2.06
CA ILE A 291 -15.35 -6.30 -2.19
C ILE A 291 -14.62 -6.00 -0.88
N THR A 292 -13.56 -5.20 -1.01
CA THR A 292 -12.81 -4.72 0.14
C THR A 292 -12.85 -3.21 0.16
N ILE A 293 -12.88 -2.64 1.37
CA ILE A 293 -12.87 -1.19 1.56
C ILE A 293 -11.81 -0.85 2.60
N THR A 294 -10.98 0.14 2.29
CA THR A 294 -9.91 0.56 3.17
C THR A 294 -9.80 2.08 3.12
N VAL A 295 -9.37 2.67 4.23
CA VAL A 295 -9.04 4.08 4.30
C VAL A 295 -7.62 4.18 4.85
N ASN A 296 -6.76 4.91 4.14
CA ASN A 296 -5.38 5.11 4.55
C ASN A 296 -5.21 6.51 5.13
N PHE A 297 -4.35 6.61 6.14
CA PHE A 297 -3.98 7.88 6.75
C PHE A 297 -2.49 8.10 6.50
N TRP A 298 -2.17 9.07 5.64
CA TRP A 298 -0.80 9.32 5.22
C TRP A 298 -0.22 10.47 6.02
N TYR A 299 0.97 10.25 6.59
CA TYR A 299 1.67 11.26 7.38
C TYR A 299 3.10 11.36 6.91
N LYS A 300 3.56 12.59 6.68
CA LYS A 300 4.97 12.80 6.40
C LYS A 300 5.79 12.37 7.61
N GLY A 301 6.87 11.65 7.35
CA GLY A 301 7.69 11.11 8.42
C GLY A 301 8.28 12.20 9.29
N ALA A 302 8.79 11.77 10.44
CA ALA A 302 9.45 12.70 11.34
C ALA A 302 10.67 13.30 10.65
N PRO A 303 10.97 14.58 10.89
CA PRO A 303 12.09 15.20 10.19
C PRO A 303 13.42 14.59 10.61
N THR A 304 14.36 14.59 9.68
CA THR A 304 15.66 13.99 9.93
C THR A 304 16.34 14.69 11.11
N PRO A 305 16.88 13.95 12.07
CA PRO A 305 17.53 14.59 13.22
C PRO A 305 18.72 15.44 12.79
N LYS A 306 19.16 16.29 13.71
CA LYS A 306 20.31 17.16 13.45
C LYS A 306 21.62 16.40 13.64
N ARG A 307 21.68 15.52 14.63
CA ARG A 307 22.86 14.69 14.91
C ARG A 307 22.62 13.30 14.34
N ILE A 308 23.13 13.06 13.12
CA ILE A 308 22.93 11.78 12.46
C ILE A 308 23.72 10.70 13.19
N GLU A 309 23.05 9.61 13.53
CA GLU A 309 23.67 8.49 14.22
C GLU A 309 24.05 7.43 13.19
N TYR A 310 25.32 7.07 13.15
CA TYR A 310 25.81 6.05 12.22
C TYR A 310 25.98 4.71 12.92
N PRO A 311 25.88 3.60 12.17
CA PRO A 311 25.54 3.53 10.75
C PRO A 311 24.08 3.91 10.50
N LEU A 312 23.78 4.33 9.28
CA LEU A 312 22.46 4.83 8.96
C LEU A 312 21.44 3.70 8.95
N LYS A 313 20.18 4.06 9.16
CA LYS A 313 19.09 3.11 9.01
C LYS A 313 18.98 2.67 7.55
N ALA A 314 18.38 1.50 7.34
CA ALA A 314 18.22 0.99 5.99
C ALA A 314 17.45 1.96 5.11
N HIS A 315 16.36 2.53 5.63
CA HIS A 315 15.55 3.44 4.83
C HIS A 315 16.29 4.74 4.54
N GLN A 316 17.28 5.11 5.34
CA GLN A 316 18.11 6.26 5.03
C GLN A 316 19.00 5.98 3.82
N LYS A 317 19.55 4.77 3.74
CA LYS A 317 20.33 4.40 2.56
C LYS A 317 19.47 4.34 1.32
N VAL A 318 18.22 3.88 1.45
CA VAL A 318 17.30 3.91 0.33
C VAL A 318 17.06 5.35 -0.11
N ALA A 319 16.92 6.26 0.85
CA ALA A 319 16.77 7.67 0.52
C ALA A 319 18.00 8.20 -0.22
N ILE A 320 19.19 7.81 0.23
CA ILE A 320 20.41 8.22 -0.44
C ILE A 320 20.42 7.71 -1.89
N MET A 321 20.16 6.41 -2.06
CA MET A 321 20.16 5.84 -3.40
C MET A 321 19.18 6.58 -4.31
N ARG A 322 17.98 6.88 -3.80
CA ARG A 322 17.01 7.62 -4.61
C ARG A 322 17.56 8.97 -5.04
N ASN A 323 18.23 9.68 -4.12
CA ASN A 323 18.74 11.01 -4.43
C ASN A 323 19.84 10.94 -5.50
N ILE A 324 20.73 9.95 -5.41
CA ILE A 324 21.79 9.82 -6.41
C ILE A 324 21.17 9.68 -7.81
N GLU A 325 20.20 8.78 -7.95
CA GLU A 325 19.57 8.57 -9.25
C GLU A 325 18.89 9.85 -9.73
N LYS A 326 18.17 10.53 -8.84
CA LYS A 326 17.51 11.77 -9.21
C LYS A 326 18.51 12.81 -9.70
N MET A 327 19.63 12.96 -8.99
CA MET A 327 20.61 13.97 -9.34
C MET A 327 21.28 13.65 -10.68
N LEU A 328 21.68 12.39 -10.87
CA LEU A 328 22.28 12.02 -12.14
C LEU A 328 21.34 12.25 -13.31
N GLY A 329 20.03 12.17 -13.07
CA GLY A 329 19.08 12.48 -14.12
C GLY A 329 19.12 13.94 -14.52
N GLU A 330 19.26 14.84 -13.55
CA GLU A 330 19.38 16.27 -13.85
C GLU A 330 20.76 16.60 -14.37
N ALA A 331 21.81 16.09 -13.71
CA ALA A 331 23.18 16.41 -14.11
C ALA A 331 23.43 16.02 -15.56
N LEU A 332 23.05 14.80 -15.93
CA LEU A 332 23.25 14.33 -17.29
C LEU A 332 22.21 14.85 -18.26
N GLY A 333 21.16 15.51 -17.77
CA GLY A 333 20.12 16.02 -18.64
C GLY A 333 19.31 14.95 -19.34
N ASN A 334 19.35 13.72 -18.86
CA ASN A 334 18.61 12.64 -19.50
C ASN A 334 18.54 11.42 -18.59
N PRO A 335 17.37 11.01 -18.12
CA PRO A 335 17.27 9.81 -17.29
C PRO A 335 17.87 8.56 -17.94
N GLN A 336 17.85 8.47 -19.27
CA GLN A 336 18.34 7.27 -19.95
C GLN A 336 19.84 7.07 -19.76
N GLU A 337 20.59 8.12 -19.44
CA GLU A 337 22.03 8.01 -19.24
C GLU A 337 22.42 7.59 -17.83
N VAL A 338 21.47 7.54 -16.90
CA VAL A 338 21.81 7.22 -15.51
C VAL A 338 22.41 5.81 -15.44
N GLY A 339 21.76 4.85 -16.09
CA GLY A 339 22.23 3.48 -16.08
C GLY A 339 23.65 3.33 -16.58
N PRO A 340 23.90 3.74 -17.82
CA PRO A 340 25.25 3.60 -18.38
C PRO A 340 26.34 4.22 -17.52
N LEU A 341 26.09 5.39 -16.92
CA LEU A 341 27.11 6.02 -16.11
C LEU A 341 27.34 5.29 -14.79
N LEU A 342 26.29 4.69 -14.23
CA LEU A 342 26.46 3.92 -12.99
C LEU A 342 27.25 2.65 -13.24
N ASN A 343 26.99 1.97 -14.36
CA ASN A 343 27.75 0.76 -14.67
C ASN A 343 29.21 1.09 -14.94
N THR A 344 29.47 2.15 -15.70
CA THR A 344 30.84 2.60 -15.92
C THR A 344 31.55 2.85 -14.60
N MET A 345 30.82 3.26 -13.57
CA MET A 345 31.42 3.63 -12.29
C MET A 345 31.81 2.42 -11.46
N ILE A 346 31.04 1.32 -11.52
CA ILE A 346 31.26 0.19 -10.63
C ILE A 346 32.00 -0.93 -11.35
N LYS A 347 31.77 -1.09 -12.66
CA LYS A 347 32.33 -2.21 -13.41
C LYS A 347 33.84 -2.28 -13.27
N GLY A 348 34.34 -3.33 -12.61
CA GLY A 348 35.76 -3.51 -12.43
C GLY A 348 36.39 -2.57 -11.45
N ARG A 349 35.60 -1.81 -10.70
CA ARG A 349 36.10 -0.86 -9.72
C ARG A 349 35.51 -1.09 -8.33
N TYR A 350 34.23 -1.42 -8.25
CA TYR A 350 33.58 -1.72 -6.98
C TYR A 350 32.93 -3.10 -6.96
N ASN A 351 33.15 -3.91 -7.99
CA ASN A 351 32.60 -5.26 -8.04
C ASN A 351 33.66 -6.24 -8.52
#